data_7VNI
#
_entry.id   7VNI
#
_cell.length_a   136.030
_cell.length_b   55.553
_cell.length_c   77.095
_cell.angle_alpha   90.000
_cell.angle_beta   103.050
_cell.angle_gamma   90.000
#
_symmetry.space_group_name_H-M   'C 1 2 1'
#
loop_
_entity.id
_entity.type
_entity.pdbx_description
1 polymer 'Ahr homolog spineless'
2 polymer 'Aryl hydrocarbon receptor nuclear translocator'
3 non-polymer 'SULFATE ION'
4 water water
#
loop_
_entity_poly.entity_id
_entity_poly.type
_entity_poly.pdbx_seq_one_letter_code
_entity_poly.pdbx_strand_id
1 'polypeptide(L)'
;GSIPHKENMFKSKHKLDFSLVSMDQRGKHILGYADAELVNMGGYDLVHYDDLAYVASAHQELLKTGASGMIAYRYQKKDG
EWQWLQTSSRLVYKNSKPDFVICTHRQLMDEEGHDLLGKR
;
B,A
2 'polypeptide(L)'
;GSCQPTEFISRHNIEGIFTFVDHRCVATVGYQPQELLGKNIVEFCHPEDQQLLRDSFQQVVKLKGQVLSVMFRFRSKTRE
WLWMRTSSFTFQNPYSDEIEYIICTNTNVKN
;
D,C
#
# COMPACT_ATOMS: atom_id res chain seq x y z
N ASN A 8 -18.79 6.99 -17.64
CA ASN A 8 -18.59 6.58 -16.26
C ASN A 8 -17.40 7.29 -15.60
N MET A 9 -16.81 8.25 -16.30
CA MET A 9 -15.62 8.93 -15.84
C MET A 9 -15.88 10.42 -15.62
N PHE A 10 -15.20 11.00 -14.63
CA PHE A 10 -15.37 12.42 -14.34
C PHE A 10 -14.16 12.88 -13.55
N LYS A 11 -14.05 14.20 -13.37
CA LYS A 11 -12.89 14.80 -12.74
C LYS A 11 -13.29 15.69 -11.59
N SER A 12 -12.35 15.94 -10.68
CA SER A 12 -12.53 16.89 -9.61
C SER A 12 -11.21 17.62 -9.36
N LYS A 13 -11.30 18.75 -8.67
CA LYS A 13 -10.15 19.58 -8.36
C LYS A 13 -10.12 19.83 -6.85
N HIS A 14 -8.94 19.77 -6.25
CA HIS A 14 -8.84 19.79 -4.80
C HIS A 14 -7.69 20.66 -4.32
N LYS A 15 -7.84 21.21 -3.11
CA LYS A 15 -6.70 21.75 -2.41
C LYS A 15 -5.71 20.63 -2.09
N LEU A 16 -4.48 21.03 -1.76
CA LEU A 16 -3.45 20.04 -1.39
C LEU A 16 -3.89 19.18 -0.21
N ASP A 17 -4.76 19.70 0.65
CA ASP A 17 -5.26 18.90 1.77
C ASP A 17 -6.45 18.01 1.37
N PHE A 18 -6.78 17.96 0.08
CA PHE A 18 -7.81 17.14 -0.58
C PHE A 18 -9.22 17.68 -0.42
N SER A 19 -9.43 18.83 0.24
CA SER A 19 -10.77 19.37 0.26
C SER A 19 -11.17 19.79 -1.16
N LEU A 20 -12.44 19.61 -1.47
CA LEU A 20 -12.89 19.78 -2.85
C LEU A 20 -13.12 21.26 -3.13
N VAL A 21 -12.66 21.70 -4.31
CA VAL A 21 -12.96 23.06 -4.76
C VAL A 21 -13.85 23.09 -6.01
N SER A 22 -13.90 22.01 -6.79
CA SER A 22 -14.82 21.94 -7.91
C SER A 22 -14.90 20.48 -8.38
N MET A 23 -16.01 20.15 -9.01
CA MET A 23 -16.17 18.83 -9.58
C MET A 23 -17.06 18.91 -10.82
N ASP A 24 -16.77 18.06 -11.81
CA ASP A 24 -17.64 17.92 -12.96
C ASP A 24 -19.09 17.69 -12.52
N GLN A 25 -20.02 18.22 -13.30
CA GLN A 25 -21.44 18.05 -13.00
C GLN A 25 -21.84 16.58 -13.02
N ARG A 26 -21.19 15.77 -13.87
CA ARG A 26 -21.47 14.34 -13.89
C ARG A 26 -21.11 13.68 -12.57
N GLY A 27 -19.98 14.07 -11.97
CA GLY A 27 -19.62 13.51 -10.68
C GLY A 27 -20.58 13.94 -9.57
N LYS A 28 -21.05 15.19 -9.64
CA LYS A 28 -22.00 15.67 -8.65
C LYS A 28 -23.28 14.86 -8.67
N HIS A 29 -23.74 14.48 -9.86
CA HIS A 29 -24.99 13.75 -9.96
C HIS A 29 -24.84 12.29 -9.56
N ILE A 30 -23.65 11.70 -9.76
CA ILE A 30 -23.43 10.34 -9.31
C ILE A 30 -23.48 10.28 -7.78
N LEU A 31 -22.83 11.24 -7.11
CA LEU A 31 -22.78 11.25 -5.66
C LEU A 31 -24.07 11.77 -5.03
N GLY A 32 -24.91 12.46 -5.80
CA GLY A 32 -26.22 12.84 -5.35
C GLY A 32 -26.35 14.21 -4.69
N TYR A 33 -25.35 15.08 -4.85
CA TYR A 33 -25.41 16.40 -4.21
C TYR A 33 -25.73 17.53 -5.20
N GLU A 37 -23.26 22.46 -0.44
CA GLU A 37 -22.91 21.69 -1.63
C GLU A 37 -21.72 20.78 -1.36
N LEU A 38 -21.09 20.27 -2.43
CA LEU A 38 -19.94 19.39 -2.26
C LEU A 38 -18.67 20.18 -1.93
N VAL A 39 -18.56 21.41 -2.40
CA VAL A 39 -17.60 22.32 -1.79
C VAL A 39 -18.11 22.71 -0.41
N ASN A 40 -17.21 23.26 0.41
CA ASN A 40 -17.40 23.52 1.84
C ASN A 40 -17.31 22.24 2.67
N MET A 41 -16.68 21.20 2.13
CA MET A 41 -16.57 19.91 2.80
C MET A 41 -15.14 19.42 2.81
N GLY A 42 -14.73 18.77 3.90
CA GLY A 42 -13.39 18.24 3.99
C GLY A 42 -13.19 17.08 3.04
N GLY A 43 -11.92 16.85 2.67
CA GLY A 43 -11.62 15.82 1.69
C GLY A 43 -11.81 14.41 2.18
N TYR A 44 -11.98 14.24 3.48
CA TYR A 44 -12.08 12.93 4.10
C TYR A 44 -13.45 12.64 4.69
N ASP A 45 -14.39 13.59 4.56
CA ASP A 45 -15.65 13.43 5.26
C ASP A 45 -16.56 12.39 4.60
N LEU A 46 -16.33 12.05 3.34
CA LEU A 46 -17.15 11.06 2.65
C LEU A 46 -16.42 9.73 2.43
N VAL A 47 -15.21 9.58 2.95
CA VAL A 47 -14.45 8.35 2.73
C VAL A 47 -14.93 7.28 3.70
N HIS A 48 -15.21 6.08 3.17
CA HIS A 48 -15.59 4.94 3.99
C HIS A 48 -14.51 4.62 5.01
N TYR A 49 -14.94 4.29 6.24
CA TYR A 49 -14.01 4.09 7.36
C TYR A 49 -13.03 2.95 7.12
N ASP A 50 -13.43 1.92 6.38
CA ASP A 50 -12.53 0.84 6.03
C ASP A 50 -11.55 1.21 4.91
N ASP A 51 -11.76 2.34 4.24
CA ASP A 51 -10.85 2.79 3.18
C ASP A 51 -10.04 4.01 3.56
N LEU A 52 -10.21 4.54 4.78
CA LEU A 52 -9.50 5.73 5.22
C LEU A 52 -7.99 5.57 5.08
N ALA A 53 -7.44 4.48 5.63
CA ALA A 53 -6.00 4.25 5.53
C ALA A 53 -5.54 4.16 4.08
N TYR A 54 -6.32 3.49 3.23
CA TYR A 54 -5.94 3.35 1.82
C TYR A 54 -5.89 4.70 1.14
N VAL A 55 -6.92 5.54 1.37
CA VAL A 55 -6.96 6.85 0.72
C VAL A 55 -5.88 7.77 1.29
N ALA A 56 -5.65 7.71 2.61
CA ALA A 56 -4.60 8.54 3.21
C ALA A 56 -3.23 8.15 2.71
N SER A 57 -3.01 6.86 2.45
CA SER A 57 -1.70 6.45 1.94
C SER A 57 -1.50 6.96 0.52
N ALA A 58 -2.56 6.96 -0.28
CA ALA A 58 -2.48 7.51 -1.63
C ALA A 58 -2.26 9.03 -1.60
N HIS A 59 -2.88 9.71 -0.63
CA HIS A 59 -2.67 11.15 -0.47
C HIS A 59 -1.21 11.48 -0.24
N GLN A 60 -0.56 10.71 0.63
CA GLN A 60 0.87 10.86 0.87
C GLN A 60 1.69 10.55 -0.38
N GLU A 61 1.30 9.51 -1.12
CA GLU A 61 1.96 9.23 -2.39
C GLU A 61 1.83 10.42 -3.34
N LEU A 62 0.67 11.05 -3.36
CA LEU A 62 0.48 12.20 -4.24
C LEU A 62 1.35 13.38 -3.80
N LEU A 63 1.42 13.64 -2.49
CA LEU A 63 2.16 14.78 -1.98
C LEU A 63 3.67 14.61 -2.18
N LYS A 64 4.20 13.41 -1.95
CA LYS A 64 5.64 13.18 -1.98
C LYS A 64 6.15 12.97 -3.40
N THR A 65 5.29 12.53 -4.28
CA THR A 65 5.63 11.99 -5.58
C THR A 65 5.03 12.79 -6.72
N GLY A 66 3.91 13.47 -6.49
CA GLY A 66 3.19 14.17 -7.55
C GLY A 66 2.13 13.36 -8.25
N ALA A 67 2.00 12.06 -7.93
CA ALA A 67 0.96 11.23 -8.55
C ALA A 67 0.55 10.12 -7.58
N SER A 68 -0.67 9.62 -7.76
CA SER A 68 -1.13 8.46 -6.99
C SER A 68 -2.25 7.75 -7.76
N GLY A 69 -2.42 6.47 -7.44
CA GLY A 69 -3.53 5.69 -7.96
C GLY A 69 -4.24 4.93 -6.87
N MET A 70 -5.59 4.97 -6.88
CA MET A 70 -6.43 4.23 -5.94
C MET A 70 -7.31 3.31 -6.77
N ILE A 71 -7.09 1.99 -6.66
CA ILE A 71 -7.80 1.10 -7.58
C ILE A 71 -9.25 0.90 -7.14
N ALA A 72 -9.56 1.07 -5.86
CA ALA A 72 -10.94 0.92 -5.39
C ALA A 72 -11.09 1.46 -3.98
N TYR A 73 -12.11 2.28 -3.77
CA TYR A 73 -12.46 2.79 -2.45
C TYR A 73 -13.89 3.30 -2.54
N ARG A 74 -14.48 3.56 -1.38
CA ARG A 74 -15.90 3.95 -1.32
C ARG A 74 -16.08 5.38 -0.86
N TYR A 75 -17.01 6.06 -1.50
CA TYR A 75 -17.36 7.46 -1.23
C TYR A 75 -18.85 7.50 -0.92
N GLN A 76 -19.22 8.07 0.22
CA GLN A 76 -20.62 8.06 0.61
C GLN A 76 -21.44 9.03 -0.24
N LYS A 77 -22.55 8.53 -0.75
CA LYS A 77 -23.47 9.35 -1.55
C LYS A 77 -24.43 10.09 -0.64
N LYS A 78 -25.17 11.03 -1.22
CA LYS A 78 -26.12 11.84 -0.46
C LYS A 78 -27.17 10.96 0.22
N ASP A 79 -27.64 9.92 -0.47
CA ASP A 79 -28.67 9.05 0.11
C ASP A 79 -28.12 8.10 1.16
N GLY A 80 -26.84 8.20 1.50
CA GLY A 80 -26.23 7.33 2.49
C GLY A 80 -25.52 6.12 1.92
N GLU A 81 -25.81 5.73 0.68
CA GLU A 81 -25.18 4.57 0.09
C GLU A 81 -23.72 4.87 -0.29
N TRP A 82 -22.94 3.80 -0.44
CA TRP A 82 -21.54 3.91 -0.81
C TRP A 82 -21.36 3.76 -2.31
N GLN A 83 -20.53 4.61 -2.89
CA GLN A 83 -20.16 4.54 -4.30
C GLN A 83 -18.72 4.07 -4.39
N TRP A 84 -18.50 2.94 -5.06
CA TRP A 84 -17.14 2.50 -5.36
C TRP A 84 -16.54 3.38 -6.46
N LEU A 85 -15.31 3.84 -6.23
CA LEU A 85 -14.60 4.71 -7.15
C LEU A 85 -13.19 4.19 -7.40
N GLN A 86 -12.66 4.52 -8.58
CA GLN A 86 -11.28 4.23 -8.96
C GLN A 86 -10.68 5.54 -9.48
N THR A 87 -9.55 5.96 -8.91
CA THR A 87 -9.13 7.34 -9.05
C THR A 87 -7.62 7.45 -9.30
N SER A 88 -7.24 8.21 -10.31
CA SER A 88 -5.87 8.71 -10.44
C SER A 88 -5.83 10.18 -10.03
N SER A 89 -4.72 10.58 -9.42
CA SER A 89 -4.55 11.92 -8.86
C SER A 89 -3.24 12.50 -9.35
N ARG A 90 -3.20 13.81 -9.61
CA ARG A 90 -1.92 14.40 -9.95
C ARG A 90 -1.78 15.80 -9.36
N LEU A 91 -0.57 16.11 -8.96
CA LEU A 91 -0.23 17.43 -8.46
C LEU A 91 -0.05 18.38 -9.63
N VAL A 92 -0.74 19.51 -9.60
CA VAL A 92 -0.52 20.55 -10.58
C VAL A 92 0.28 21.66 -9.92
N TYR A 93 1.35 22.09 -10.57
CA TYR A 93 2.27 23.05 -9.98
C TYR A 93 2.01 24.44 -10.56
N LYS A 94 2.55 25.44 -9.87
CA LYS A 94 2.45 26.83 -10.30
C LYS A 94 3.69 27.56 -9.81
N ASN A 95 4.46 28.10 -10.75
CA ASN A 95 5.73 28.77 -10.45
C ASN A 95 6.64 27.87 -9.62
N SER A 96 6.70 26.59 -10.00
CA SER A 96 7.54 25.56 -9.39
C SER A 96 7.07 25.16 -7.98
N LYS A 97 5.89 25.60 -7.56
CA LYS A 97 5.37 25.19 -6.25
C LYS A 97 4.07 24.42 -6.42
N PRO A 98 3.83 23.42 -5.58
CA PRO A 98 2.56 22.68 -5.67
C PRO A 98 1.38 23.61 -5.48
N ASP A 99 0.39 23.47 -6.35
CA ASP A 99 -0.75 24.39 -6.38
C ASP A 99 -2.05 23.70 -6.01
N PHE A 100 -2.45 22.70 -6.76
CA PHE A 100 -3.68 21.97 -6.47
C PHE A 100 -3.56 20.54 -6.98
N VAL A 101 -4.65 19.80 -6.83
CA VAL A 101 -4.72 18.39 -7.21
C VAL A 101 -5.86 18.23 -8.20
N ILE A 102 -5.61 17.46 -9.27
CA ILE A 102 -6.66 17.06 -10.20
C ILE A 102 -6.83 15.56 -10.13
N CYS A 103 -8.07 15.13 -9.92
CA CYS A 103 -8.41 13.71 -9.82
C CYS A 103 -9.27 13.30 -11.00
N THR A 104 -9.02 12.10 -11.51
CA THR A 104 -9.80 11.49 -12.58
C THR A 104 -10.41 10.21 -12.03
N HIS A 105 -11.74 10.13 -12.04
CA HIS A 105 -12.47 9.06 -11.39
C HIS A 105 -13.20 8.18 -12.39
N ARG A 106 -13.35 6.92 -12.04
CA ARG A 106 -14.24 6.01 -12.75
C ARG A 106 -15.21 5.41 -11.74
N GLN A 107 -16.50 5.54 -12.04
CA GLN A 107 -17.53 4.93 -11.21
C GLN A 107 -17.49 3.40 -11.38
N LEU A 108 -17.33 2.69 -10.26
CA LEU A 108 -17.29 1.23 -10.24
C LEU A 108 -18.60 0.63 -9.76
N MET A 109 -19.05 -0.45 -10.40
CA MET A 109 -20.13 -1.23 -9.82
C MET A 109 -19.64 -2.01 -8.61
N ASP A 110 -20.58 -2.42 -7.77
CA ASP A 110 -20.22 -3.03 -6.48
C ASP A 110 -19.44 -4.32 -6.65
N GLU A 111 -19.77 -5.10 -7.68
CA GLU A 111 -19.03 -6.34 -7.96
C GLU A 111 -17.56 -6.05 -8.21
N GLU A 112 -17.26 -5.14 -9.14
CA GLU A 112 -15.86 -4.83 -9.45
C GLU A 112 -15.17 -4.17 -8.26
N GLY A 113 -15.88 -3.32 -7.53
CA GLY A 113 -15.26 -2.70 -6.37
C GLY A 113 -14.86 -3.71 -5.31
N HIS A 114 -15.76 -4.66 -5.00
CA HIS A 114 -15.41 -5.66 -4.00
C HIS A 114 -14.34 -6.61 -4.50
N ASP A 115 -14.30 -6.88 -5.80
CA ASP A 115 -13.21 -7.69 -6.32
C ASP A 115 -11.87 -6.96 -6.19
N LEU A 116 -11.86 -5.66 -6.50
CA LEU A 116 -10.62 -4.91 -6.43
C LEU A 116 -10.18 -4.66 -5.00
N LEU A 117 -11.13 -4.60 -4.05
CA LEU A 117 -10.78 -4.38 -2.65
C LEU A 117 -9.79 -5.42 -2.16
N GLY A 118 -9.99 -6.69 -2.53
CA GLY A 118 -9.06 -7.73 -2.10
C GLY A 118 -7.72 -7.72 -2.81
N LYS A 119 -7.57 -6.95 -3.89
CA LYS A 119 -6.33 -6.89 -4.64
C LYS A 119 -5.52 -5.63 -4.40
N ARG A 120 -6.03 -4.71 -3.59
CA ARG A 120 -5.41 -3.38 -3.48
C ARG A 120 -4.28 -3.33 -2.46
N THR B 6 -18.12 -8.29 17.25
CA THR B 6 -19.31 -7.47 17.48
C THR B 6 -18.93 -6.06 17.91
N GLU B 7 -18.92 -5.16 16.93
CA GLU B 7 -18.49 -3.79 17.16
C GLU B 7 -19.05 -2.93 16.05
N PHE B 8 -18.93 -1.61 16.22
CA PHE B 8 -19.30 -0.67 15.17
C PHE B 8 -18.37 0.53 15.25
N ILE B 9 -18.20 1.20 14.10
CA ILE B 9 -17.29 2.33 14.00
C ILE B 9 -18.11 3.61 14.10
N SER B 10 -17.59 4.59 14.85
CA SER B 10 -18.17 5.92 14.89
C SER B 10 -17.08 6.96 14.63
N ARG B 11 -17.48 8.07 14.04
CA ARG B 11 -16.62 9.24 13.91
C ARG B 11 -17.14 10.36 14.79
N HIS B 12 -16.21 11.15 15.34
CA HIS B 12 -16.56 12.20 16.29
C HIS B 12 -15.75 13.44 15.96
N ASN B 13 -16.31 14.62 16.26
CA ASN B 13 -15.47 15.81 16.23
C ASN B 13 -14.64 15.85 17.52
N ILE B 14 -13.79 16.86 17.69
CA ILE B 14 -12.89 16.85 18.84
C ILE B 14 -13.60 17.05 20.17
N GLU B 15 -14.87 17.45 20.14
CA GLU B 15 -15.65 17.62 21.35
C GLU B 15 -16.36 16.33 21.77
N GLY B 16 -16.37 15.31 20.92
CA GLY B 16 -17.04 14.05 21.22
C GLY B 16 -18.35 13.83 20.48
N ILE B 17 -18.79 14.79 19.67
CA ILE B 17 -20.08 14.68 18.99
C ILE B 17 -20.00 13.61 17.91
N PHE B 18 -20.95 12.67 17.92
CA PHE B 18 -21.08 11.72 16.81
C PHE B 18 -21.32 12.46 15.50
N THR B 19 -20.45 12.23 14.50
CA THR B 19 -20.69 12.77 13.16
C THR B 19 -20.85 11.70 12.08
N PHE B 20 -20.61 10.44 12.41
CA PHE B 20 -20.88 9.30 11.53
C PHE B 20 -20.97 8.07 12.42
N VAL B 21 -21.89 7.17 12.10
CA VAL B 21 -22.03 5.91 12.82
C VAL B 21 -22.39 4.84 11.80
N ASP B 22 -21.64 3.74 11.77
CA ASP B 22 -22.01 2.69 10.83
C ASP B 22 -23.11 1.83 11.42
N HIS B 23 -23.93 1.26 10.53
CA HIS B 23 -25.22 0.69 10.91
C HIS B 23 -25.12 -0.53 11.84
N ARG B 24 -23.91 -1.07 12.04
CA ARG B 24 -23.76 -2.15 13.02
C ARG B 24 -24.16 -1.72 14.43
N CYS B 25 -24.26 -0.40 14.68
CA CYS B 25 -24.73 0.07 15.98
C CYS B 25 -26.13 -0.41 16.31
N VAL B 26 -26.94 -0.71 15.30
CA VAL B 26 -28.32 -1.16 15.56
C VAL B 26 -28.31 -2.46 16.35
N ALA B 27 -27.47 -3.40 15.94
CA ALA B 27 -27.41 -4.69 16.63
C ALA B 27 -26.58 -4.62 17.91
N THR B 28 -25.60 -3.72 17.99
CA THR B 28 -24.71 -3.72 19.14
C THR B 28 -25.31 -2.98 20.34
N VAL B 29 -25.92 -1.82 20.10
CA VAL B 29 -26.46 -1.01 21.19
C VAL B 29 -27.92 -0.61 20.97
N GLY B 30 -28.52 -0.96 19.83
CA GLY B 30 -29.95 -0.83 19.67
C GLY B 30 -30.46 0.48 19.10
N TYR B 31 -29.59 1.46 18.85
CA TYR B 31 -30.02 2.71 18.23
C TYR B 31 -29.79 2.66 16.72
N GLN B 32 -30.60 3.43 15.98
CA GLN B 32 -30.25 3.72 14.60
C GLN B 32 -29.14 4.76 14.57
N PRO B 33 -28.32 4.78 13.52
CA PRO B 33 -27.27 5.81 13.44
C PRO B 33 -27.80 7.23 13.66
N GLN B 34 -28.93 7.57 13.03
CA GLN B 34 -29.43 8.94 13.13
C GLN B 34 -29.80 9.32 14.55
N GLU B 35 -30.13 8.34 15.40
CA GLU B 35 -30.37 8.62 16.80
C GLU B 35 -29.11 9.05 17.54
N LEU B 36 -27.93 8.67 17.06
CA LEU B 36 -26.69 9.04 17.73
C LEU B 36 -26.10 10.31 17.17
N LEU B 37 -26.20 10.50 15.85
CA LEU B 37 -25.65 11.67 15.19
C LEU B 37 -26.07 12.95 15.90
N GLY B 38 -25.09 13.79 16.21
CA GLY B 38 -25.35 15.08 16.82
C GLY B 38 -25.32 15.09 18.33
N LYS B 39 -25.31 13.93 18.97
CA LYS B 39 -25.17 13.83 20.41
C LYS B 39 -23.72 13.59 20.78
N ASN B 40 -23.37 13.94 22.01
CA ASN B 40 -22.01 13.66 22.48
C ASN B 40 -21.97 12.22 22.98
N ILE B 41 -20.81 11.58 22.80
CA ILE B 41 -20.65 10.21 23.27
C ILE B 41 -20.86 10.10 24.78
N VAL B 42 -20.49 11.13 25.55
CA VAL B 42 -20.63 11.03 27.00
C VAL B 42 -22.11 10.97 27.40
N GLU B 43 -23.01 11.49 26.56
CA GLU B 43 -24.43 11.40 26.88
C GLU B 43 -24.92 9.97 26.92
N PHE B 44 -24.16 9.02 26.39
CA PHE B 44 -24.53 7.61 26.45
C PHE B 44 -23.73 6.84 27.49
N CYS B 45 -22.96 7.55 28.33
CA CYS B 45 -22.02 6.94 29.26
C CYS B 45 -22.57 6.92 30.68
N HIS B 46 -22.34 5.82 31.39
CA HIS B 46 -22.73 5.72 32.79
C HIS B 46 -22.11 6.86 33.59
N PRO B 47 -22.87 7.49 34.49
CA PRO B 47 -22.33 8.65 35.24
C PRO B 47 -21.00 8.38 35.93
N GLU B 48 -20.77 7.16 36.42
CA GLU B 48 -19.52 6.84 37.09
C GLU B 48 -18.37 6.74 36.11
N ASP B 49 -18.64 6.52 34.84
CA ASP B 49 -17.60 6.28 33.85
C ASP B 49 -17.27 7.54 33.05
N GLN B 50 -18.05 8.61 33.22
CA GLN B 50 -17.97 9.74 32.32
C GLN B 50 -16.64 10.47 32.43
N GLN B 51 -16.12 10.61 33.65
CA GLN B 51 -14.87 11.33 33.80
C GLN B 51 -13.73 10.62 33.08
N LEU B 52 -13.69 9.30 33.20
CA LEU B 52 -12.70 8.50 32.49
C LEU B 52 -12.86 8.63 30.98
N LEU B 53 -14.10 8.57 30.47
CA LEU B 53 -14.37 8.76 29.04
C LEU B 53 -13.93 10.13 28.56
N ARG B 54 -14.34 11.19 29.28
CA ARG B 54 -13.98 12.56 28.93
C ARG B 54 -12.48 12.76 28.85
N ASP B 55 -11.76 12.35 29.90
CA ASP B 55 -10.31 12.51 29.89
C ASP B 55 -9.65 11.66 28.81
N SER B 56 -10.20 10.47 28.53
CA SER B 56 -9.63 9.65 27.47
C SER B 56 -9.81 10.31 26.12
N PHE B 57 -10.99 10.87 25.88
CA PHE B 57 -11.25 11.59 24.65
C PHE B 57 -10.34 12.82 24.51
N GLN B 58 -10.15 13.57 25.59
CA GLN B 58 -9.24 14.71 25.51
C GLN B 58 -7.82 14.27 25.21
N GLN B 59 -7.43 13.11 25.73
CA GLN B 59 -6.07 12.64 25.50
C GLN B 59 -5.88 12.14 24.08
N VAL B 60 -6.91 11.52 23.48
CA VAL B 60 -6.86 11.13 22.07
CA VAL B 60 -6.84 11.12 22.08
C VAL B 60 -6.50 12.33 21.21
N VAL B 61 -7.19 13.45 21.46
CA VAL B 61 -6.94 14.67 20.69
C VAL B 61 -5.54 15.19 20.95
N LYS B 62 -5.08 15.13 22.20
CA LYS B 62 -3.76 15.66 22.55
C LYS B 62 -2.65 14.82 21.93
N LEU B 63 -2.83 13.51 21.87
CA LEU B 63 -1.81 12.61 21.36
C LEU B 63 -2.13 12.22 19.92
N LYS B 64 -2.25 13.25 19.09
CA LYS B 64 -2.60 13.15 17.67
C LYS B 64 -2.02 11.91 17.00
N GLY B 65 -2.88 10.97 16.63
CA GLY B 65 -2.47 9.81 15.88
C GLY B 65 -2.27 8.57 16.71
N GLN B 66 -1.97 8.71 18.00
CA GLN B 66 -1.79 7.55 18.86
C GLN B 66 -3.14 6.88 19.11
N VAL B 67 -3.12 5.55 19.17
CA VAL B 67 -4.33 4.78 19.39
C VAL B 67 -4.49 4.54 20.89
N LEU B 68 -5.64 4.94 21.43
CA LEU B 68 -5.91 4.79 22.85
C LEU B 68 -7.10 3.86 23.04
N SER B 69 -7.28 3.40 24.27
CA SER B 69 -8.34 2.47 24.61
C SER B 69 -8.97 2.87 25.94
N VAL B 70 -10.30 2.76 26.01
CA VAL B 70 -11.05 3.09 27.22
C VAL B 70 -12.22 2.12 27.34
N MET B 71 -12.52 1.71 28.56
CA MET B 71 -13.70 0.90 28.81
C MET B 71 -14.70 1.73 29.60
N PHE B 72 -15.99 1.56 29.27
CA PHE B 72 -17.04 2.33 29.91
C PHE B 72 -18.37 1.67 29.60
N ARG B 73 -19.37 2.00 30.41
CA ARG B 73 -20.71 1.44 30.23
C ARG B 73 -21.52 2.34 29.30
N PHE B 74 -22.01 1.76 28.21
CA PHE B 74 -22.81 2.46 27.20
C PHE B 74 -24.28 2.14 27.43
N ARG B 75 -25.11 3.18 27.40
CA ARG B 75 -26.56 3.04 27.62
C ARG B 75 -27.23 2.59 26.31
N SER B 76 -27.64 1.33 26.25
CA SER B 76 -28.35 0.83 25.08
C SER B 76 -29.75 1.44 24.99
N LYS B 77 -30.34 1.30 23.79
CA LYS B 77 -31.73 1.71 23.58
C LYS B 77 -32.69 0.96 24.50
N THR B 78 -32.37 -0.28 24.86
CA THR B 78 -33.17 -1.04 25.81
C THR B 78 -32.97 -0.59 27.26
N ARG B 79 -32.23 0.51 27.46
CA ARG B 79 -31.98 1.09 28.78
C ARG B 79 -31.29 0.10 29.70
N GLU B 80 -30.27 -0.57 29.18
CA GLU B 80 -29.34 -1.36 29.97
C GLU B 80 -27.95 -0.77 29.81
N TRP B 81 -27.10 -0.99 30.80
CA TRP B 81 -25.71 -0.53 30.75
C TRP B 81 -24.85 -1.63 30.13
N LEU B 82 -24.27 -1.34 28.96
CA LEU B 82 -23.49 -2.30 28.20
C LEU B 82 -22.02 -1.94 28.31
N TRP B 83 -21.20 -2.89 28.74
CA TRP B 83 -19.78 -2.61 28.88
C TRP B 83 -19.13 -2.58 27.50
N MET B 84 -18.44 -1.48 27.21
CA MET B 84 -17.93 -1.16 25.88
C MET B 84 -16.43 -0.93 25.99
N ARG B 85 -15.68 -1.44 25.02
CA ARG B 85 -14.26 -1.12 24.91
C ARG B 85 -14.09 -0.34 23.62
N THR B 86 -13.63 0.89 23.74
CA THR B 86 -13.52 1.81 22.61
C THR B 86 -12.05 2.10 22.34
N SER B 87 -11.60 1.76 21.13
CA SER B 87 -10.27 2.08 20.63
C SER B 87 -10.40 3.31 19.74
N SER B 88 -9.64 4.38 20.04
CA SER B 88 -9.82 5.66 19.38
C SER B 88 -8.50 6.24 18.89
N PHE B 89 -8.56 6.97 17.78
CA PHE B 89 -7.41 7.76 17.33
C PHE B 89 -7.92 8.94 16.49
N THR B 90 -7.15 10.02 16.50
CA THR B 90 -7.45 11.13 15.61
C THR B 90 -6.89 10.81 14.22
N PHE B 91 -7.63 11.18 13.18
CA PHE B 91 -7.09 11.10 11.83
C PHE B 91 -6.54 12.47 11.46
N GLN B 92 -5.24 12.52 11.13
CA GLN B 92 -4.58 13.76 10.74
C GLN B 92 -4.55 13.86 9.23
N ASN B 93 -4.86 15.06 8.72
CA ASN B 93 -4.78 15.31 7.30
C ASN B 93 -3.34 15.14 6.83
N PRO B 94 -3.09 14.30 5.83
CA PRO B 94 -1.69 14.06 5.41
C PRO B 94 -0.94 15.29 4.93
N TYR B 95 -1.65 16.34 4.51
CA TYR B 95 -0.96 17.56 4.09
C TYR B 95 -0.82 18.56 5.23
N SER B 96 -1.94 18.94 5.85
CA SER B 96 -1.97 20.01 6.83
C SER B 96 -1.71 19.56 8.26
N ASP B 97 -1.77 18.25 8.52
CA ASP B 97 -1.74 17.65 9.84
C ASP B 97 -2.85 18.16 10.76
N GLU B 98 -3.91 18.74 10.19
CA GLU B 98 -5.09 19.07 11.00
C GLU B 98 -5.88 17.81 11.34
N ILE B 99 -6.54 17.85 12.48
CA ILE B 99 -7.40 16.74 12.89
C ILE B 99 -8.67 16.81 12.06
N GLU B 100 -8.89 15.79 11.24
CA GLU B 100 -10.14 15.75 10.48
C GLU B 100 -11.28 15.31 11.38
N TYR B 101 -11.05 14.28 12.17
CA TYR B 101 -12.04 13.75 13.08
C TYR B 101 -11.36 12.65 13.89
N ILE B 102 -12.10 12.13 14.85
CA ILE B 102 -11.67 11.04 15.70
C ILE B 102 -12.45 9.80 15.27
N ILE B 103 -11.73 8.69 15.10
CA ILE B 103 -12.31 7.40 14.74
C ILE B 103 -12.36 6.52 15.97
N CYS B 104 -13.55 6.00 16.30
CA CYS B 104 -13.71 5.06 17.41
C CYS B 104 -14.17 3.71 16.91
N THR B 105 -13.52 2.65 17.38
CA THR B 105 -14.02 1.29 17.22
C THR B 105 -14.62 0.86 18.56
N ASN B 106 -15.93 0.62 18.58
CA ASN B 106 -16.70 0.42 19.80
C ASN B 106 -17.11 -1.05 19.88
N THR B 107 -16.54 -1.79 20.83
CA THR B 107 -16.73 -3.23 20.94
C THR B 107 -17.39 -3.58 22.26
N ASN B 108 -18.50 -4.31 22.20
CA ASN B 108 -19.06 -4.90 23.41
C ASN B 108 -18.05 -5.87 23.99
N VAL B 109 -17.91 -5.88 25.32
CA VAL B 109 -16.98 -6.83 25.93
C VAL B 109 -17.76 -7.99 26.55
N LYS C 6 20.28 20.43 -12.01
CA LYS C 6 20.87 20.26 -10.69
C LYS C 6 20.05 19.28 -9.85
N GLU C 7 18.87 18.93 -10.37
CA GLU C 7 17.96 18.08 -9.62
C GLU C 7 18.60 16.73 -9.33
N ASN C 8 18.35 16.22 -8.13
CA ASN C 8 18.54 14.81 -7.82
C ASN C 8 17.48 13.95 -8.50
N MET C 9 16.86 14.47 -9.55
CA MET C 9 15.74 13.82 -10.21
C MET C 9 16.13 13.45 -11.65
N PHE C 10 15.47 12.41 -12.16
CA PHE C 10 15.72 11.95 -13.52
C PHE C 10 14.48 11.20 -13.99
N LYS C 11 14.47 10.86 -15.28
CA LYS C 11 13.32 10.23 -15.89
C LYS C 11 13.74 8.97 -16.64
N SER C 12 12.76 8.10 -16.86
CA SER C 12 12.96 6.87 -17.62
C SER C 12 11.66 6.55 -18.33
N LYS C 13 11.75 5.72 -19.35
CA LYS C 13 10.59 5.26 -20.10
C LYS C 13 10.62 3.74 -20.13
N HIS C 14 9.44 3.12 -19.99
CA HIS C 14 9.30 1.68 -19.79
C HIS C 14 8.17 1.13 -20.64
N LYS C 15 8.28 -0.15 -21.01
CA LYS C 15 7.17 -0.91 -21.54
C LYS C 15 6.12 -1.13 -20.45
N LEU C 16 4.92 -1.58 -20.83
CA LEU C 16 3.87 -1.79 -19.86
C LEU C 16 4.21 -2.89 -18.86
N ASP C 17 5.15 -3.78 -19.19
CA ASP C 17 5.61 -4.76 -18.21
C ASP C 17 6.73 -4.22 -17.32
N PHE C 18 7.02 -2.91 -17.42
CA PHE C 18 7.99 -2.18 -16.61
C PHE C 18 9.42 -2.44 -17.07
N SER C 19 9.64 -3.23 -18.12
CA SER C 19 10.98 -3.33 -18.69
C SER C 19 11.36 -2.01 -19.35
N LEU C 20 12.66 -1.72 -19.33
CA LEU C 20 13.16 -0.41 -19.70
C LEU C 20 13.14 -0.20 -21.21
N VAL C 21 12.73 0.99 -21.63
CA VAL C 21 12.92 1.44 -23.00
C VAL C 21 14.13 2.36 -23.12
N SER C 22 14.17 3.41 -22.29
CA SER C 22 15.30 4.33 -22.27
C SER C 22 15.35 5.03 -20.92
N MET C 23 16.54 5.51 -20.55
CA MET C 23 16.72 6.26 -19.31
C MET C 23 17.64 7.45 -19.54
N ASP C 24 17.36 8.54 -18.84
CA ASP C 24 18.19 9.74 -18.71
C ASP C 24 19.67 9.44 -18.51
N GLN C 25 20.53 10.30 -19.05
CA GLN C 25 21.94 10.24 -18.71
C GLN C 25 22.15 10.33 -17.20
N ARG C 26 21.46 11.26 -16.54
CA ARG C 26 21.57 11.37 -15.09
C ARG C 26 21.25 10.04 -14.41
N GLY C 27 20.14 9.41 -14.78
CA GLY C 27 19.76 8.16 -14.15
C GLY C 27 20.74 7.04 -14.42
N LYS C 28 21.21 6.93 -15.66
CA LYS C 28 22.17 5.87 -15.98
C LYS C 28 23.48 6.08 -15.24
N HIS C 29 23.90 7.35 -15.08
CA HIS C 29 25.07 7.66 -14.28
C HIS C 29 24.87 7.30 -12.81
N ILE C 30 23.68 7.57 -12.27
CA ILE C 30 23.37 7.22 -10.88
C ILE C 30 23.40 5.71 -10.68
N LEU C 31 22.81 4.96 -11.61
CA LEU C 31 22.67 3.53 -11.43
C LEU C 31 23.85 2.74 -11.97
N GLY C 32 24.59 3.30 -12.92
CA GLY C 32 25.79 2.66 -13.42
C GLY C 32 25.62 1.75 -14.61
N TYR C 33 24.49 1.81 -15.31
CA TYR C 33 24.19 0.90 -16.41
C TYR C 33 24.14 1.64 -17.74
N ALA C 34 24.53 0.95 -18.79
CA ALA C 34 24.31 1.44 -20.15
C ALA C 34 22.86 1.18 -20.54
N ASP C 35 22.35 2.01 -21.47
CA ASP C 35 20.99 1.84 -21.95
C ASP C 35 20.75 0.40 -22.42
N ALA C 36 21.69 -0.15 -23.19
CA ALA C 36 21.51 -1.48 -23.74
C ALA C 36 21.51 -2.56 -22.66
N GLU C 37 22.17 -2.31 -21.52
CA GLU C 37 22.10 -3.25 -20.41
C GLU C 37 20.72 -3.30 -19.81
N LEU C 38 20.18 -2.12 -19.46
CA LEU C 38 18.87 -2.04 -18.83
C LEU C 38 17.79 -2.65 -19.70
N VAL C 39 17.84 -2.37 -21.01
CA VAL C 39 16.80 -2.81 -21.94
C VAL C 39 16.71 -4.33 -21.98
N ASN C 40 17.83 -5.03 -21.78
CA ASN C 40 17.84 -6.49 -21.84
C ASN C 40 17.69 -7.15 -20.49
N MET C 41 17.24 -6.41 -19.48
CA MET C 41 16.81 -7.01 -18.22
C MET C 41 15.30 -7.04 -18.14
N GLY C 42 14.79 -7.93 -17.28
CA GLY C 42 13.39 -7.87 -16.90
C GLY C 42 13.12 -6.67 -16.01
N GLY C 43 11.87 -6.22 -16.02
CA GLY C 43 11.50 -5.00 -15.29
C GLY C 43 11.63 -5.10 -13.79
N TYR C 44 11.81 -6.30 -13.25
CA TYR C 44 11.88 -6.49 -11.81
C TYR C 44 13.24 -7.02 -11.36
N ASP C 45 14.24 -7.05 -12.25
CA ASP C 45 15.51 -7.68 -11.95
C ASP C 45 16.33 -6.89 -10.91
N LEU C 46 16.09 -5.59 -10.80
CA LEU C 46 16.87 -4.73 -9.91
C LEU C 46 16.08 -4.28 -8.68
N VAL C 47 14.84 -4.70 -8.54
CA VAL C 47 14.01 -4.35 -7.40
C VAL C 47 14.42 -5.17 -6.18
N HIS C 48 14.68 -4.48 -5.06
CA HIS C 48 15.01 -5.12 -3.80
C HIS C 48 13.90 -6.06 -3.35
N TYR C 49 14.29 -7.26 -2.86
CA TYR C 49 13.34 -8.32 -2.55
C TYR C 49 12.33 -7.90 -1.48
N ASP C 50 12.72 -7.00 -0.56
CA ASP C 50 11.78 -6.52 0.45
C ASP C 50 10.80 -5.47 -0.08
N ASP C 51 11.07 -4.95 -1.28
CA ASP C 51 10.25 -3.92 -1.91
C ASP C 51 9.44 -4.45 -3.08
N LEU C 52 9.54 -5.76 -3.36
CA LEU C 52 8.92 -6.33 -4.54
C LEU C 52 7.40 -6.20 -4.48
N ALA C 53 6.80 -6.52 -3.33
CA ALA C 53 5.35 -6.42 -3.22
C ALA C 53 4.91 -4.97 -3.36
N TYR C 54 5.69 -4.03 -2.82
CA TYR C 54 5.33 -2.62 -2.88
C TYR C 54 5.37 -2.11 -4.31
N VAL C 55 6.44 -2.44 -5.03
CA VAL C 55 6.57 -2.02 -6.43
C VAL C 55 5.51 -2.68 -7.28
N ALA C 56 5.26 -3.98 -7.06
CA ALA C 56 4.25 -4.68 -7.84
C ALA C 56 2.86 -4.10 -7.62
N SER C 57 2.56 -3.67 -6.38
CA SER C 57 1.25 -3.07 -6.13
C SER C 57 1.12 -1.73 -6.84
N ALA C 58 2.18 -0.94 -6.86
CA ALA C 58 2.17 0.31 -7.61
C ALA C 58 2.02 0.07 -9.12
N HIS C 59 2.67 -0.99 -9.61
CA HIS C 59 2.53 -1.37 -11.02
C HIS C 59 1.06 -1.64 -11.36
N GLN C 60 0.35 -2.35 -10.47
CA GLN C 60 -1.08 -2.59 -10.68
C GLN C 60 -1.88 -1.29 -10.58
N GLU C 61 -1.52 -0.40 -9.66
CA GLU C 61 -2.17 0.91 -9.61
C GLU C 61 -2.00 1.66 -10.91
N LEU C 62 -0.79 1.65 -11.46
CA LEU C 62 -0.54 2.36 -12.71
C LEU C 62 -1.34 1.76 -13.87
N LEU C 63 -1.44 0.43 -13.91
CA LEU C 63 -2.14 -0.25 -14.99
C LEU C 63 -3.64 0.04 -14.96
N LYS C 64 -4.24 -0.06 -13.78
CA LYS C 64 -5.70 0.06 -13.67
C LYS C 64 -6.16 1.51 -13.64
N THR C 65 -5.29 2.42 -13.26
CA THR C 65 -5.65 3.79 -12.95
C THR C 65 -5.03 4.82 -13.89
N GLY C 66 -3.87 4.53 -14.45
CA GLY C 66 -3.11 5.46 -15.25
C GLY C 66 -1.99 6.17 -14.51
N ALA C 67 -1.92 6.04 -13.18
CA ALA C 67 -0.87 6.71 -12.42
C ALA C 67 -0.54 5.87 -11.20
N SER C 68 0.67 6.08 -10.69
CA SER C 68 1.03 5.52 -9.38
C SER C 68 2.13 6.38 -8.78
N GLY C 69 2.28 6.28 -7.48
CA GLY C 69 3.39 6.90 -6.77
C GLY C 69 4.02 5.91 -5.83
N MET C 70 5.35 5.88 -5.82
CA MET C 70 6.12 4.98 -4.95
C MET C 70 7.00 5.87 -4.08
N ILE C 71 6.70 5.98 -2.78
CA ILE C 71 7.43 6.99 -2.01
C ILE C 71 8.87 6.56 -1.66
N ALA C 72 9.15 5.26 -1.60
CA ALA C 72 10.51 4.79 -1.36
C ALA C 72 10.65 3.31 -1.66
N TYR C 73 11.67 2.95 -2.43
CA TYR C 73 12.01 1.57 -2.70
C TYR C 73 13.47 1.56 -3.14
N ARG C 74 14.06 0.36 -3.17
CA ARG C 74 15.47 0.19 -3.47
C ARG C 74 15.68 -0.48 -4.83
N TYR C 75 16.63 0.07 -5.59
CA TYR C 75 16.99 -0.37 -6.92
C TYR C 75 18.47 -0.71 -6.91
N GLN C 76 18.85 -1.88 -7.41
CA GLN C 76 20.23 -2.30 -7.26
C GLN C 76 21.12 -1.63 -8.31
N LYS C 77 22.14 -0.93 -7.84
CA LYS C 77 23.11 -0.32 -8.74
C LYS C 77 24.06 -1.38 -9.31
N LYS C 78 24.75 -1.01 -10.38
CA LYS C 78 25.65 -1.94 -11.04
C LYS C 78 26.70 -2.48 -10.07
N ASP C 79 27.16 -1.65 -9.13
CA ASP C 79 28.16 -2.12 -8.17
C ASP C 79 27.56 -2.95 -7.04
N GLY C 80 26.25 -3.18 -7.04
CA GLY C 80 25.60 -4.05 -6.08
C GLY C 80 24.96 -3.32 -4.91
N GLU C 81 25.38 -2.09 -4.65
CA GLU C 81 24.74 -1.26 -3.63
C GLU C 81 23.31 -0.94 -4.03
N TRP C 82 22.52 -0.54 -3.05
CA TRP C 82 21.12 -0.21 -3.26
C TRP C 82 20.95 1.30 -3.35
N GLN C 83 20.23 1.75 -4.37
CA GLN C 83 19.82 3.15 -4.50
C GLN C 83 18.37 3.28 -4.06
N TRP C 84 18.13 4.06 -3.00
CA TRP C 84 16.75 4.39 -2.64
C TRP C 84 16.18 5.38 -3.65
N LEU C 85 14.98 5.10 -4.15
CA LEU C 85 14.36 5.96 -5.14
C LEU C 85 12.93 6.28 -4.71
N GLN C 86 12.45 7.41 -5.19
CA GLN C 86 11.05 7.83 -5.02
C GLN C 86 10.53 8.18 -6.41
N THR C 87 9.43 7.56 -6.81
CA THR C 87 9.04 7.52 -8.22
C THR C 87 7.57 7.80 -8.43
N SER C 88 7.26 8.64 -9.43
CA SER C 88 5.92 8.75 -9.99
C SER C 88 5.88 8.11 -11.37
N SER C 89 4.75 7.49 -11.69
CA SER C 89 4.56 6.78 -12.96
C SER C 89 3.28 7.25 -13.62
N ARG C 90 3.33 7.44 -14.95
CA ARG C 90 2.16 7.81 -15.74
C ARG C 90 2.07 6.93 -16.97
N LEU C 91 0.84 6.49 -17.29
CA LEU C 91 0.60 5.73 -18.50
C LEU C 91 0.45 6.70 -19.67
N VAL C 92 1.22 6.48 -20.72
CA VAL C 92 1.08 7.24 -21.96
C VAL C 92 0.34 6.37 -22.95
N TYR C 93 -0.71 6.92 -23.55
CA TYR C 93 -1.57 6.16 -24.46
C TYR C 93 -1.23 6.49 -25.91
N LYS C 94 -1.50 5.52 -26.78
CA LYS C 94 -1.38 5.70 -28.22
C LYS C 94 -2.70 5.27 -28.83
N ASN C 95 -3.34 6.18 -29.57
CA ASN C 95 -4.64 5.95 -30.16
C ASN C 95 -5.63 5.35 -29.14
N SER C 96 -5.62 5.94 -27.94
CA SER C 96 -6.57 5.65 -26.86
C SER C 96 -6.33 4.32 -26.15
N LYS C 97 -5.23 3.64 -26.43
CA LYS C 97 -4.88 2.39 -25.73
C LYS C 97 -3.56 2.55 -24.98
N PRO C 98 -3.36 1.83 -23.88
CA PRO C 98 -2.07 1.90 -23.19
C PRO C 98 -0.91 1.61 -24.12
N ASP C 99 0.13 2.44 -24.04
CA ASP C 99 1.30 2.35 -24.91
C ASP C 99 2.58 2.12 -24.10
N PHE C 100 2.97 3.05 -23.24
CA PHE C 100 4.16 2.86 -22.43
C PHE C 100 4.01 3.71 -21.16
N VAL C 101 5.05 3.68 -20.33
CA VAL C 101 5.05 4.29 -19.01
C VAL C 101 6.18 5.30 -18.95
N ILE C 102 5.91 6.48 -18.37
CA ILE C 102 6.95 7.47 -18.10
C ILE C 102 7.08 7.62 -16.60
N CYS C 103 8.30 7.51 -16.11
CA CYS C 103 8.57 7.59 -14.68
C CYS C 103 9.46 8.79 -14.41
N THR C 104 9.20 9.45 -13.29
CA THR C 104 10.05 10.51 -12.78
C THR C 104 10.55 10.07 -11.41
N HIS C 105 11.86 10.11 -11.23
CA HIS C 105 12.52 9.55 -10.07
C HIS C 105 13.27 10.65 -9.33
N ARG C 106 13.40 10.47 -8.02
CA ARG C 106 14.31 11.28 -7.21
C ARG C 106 15.18 10.32 -6.41
N GLN C 107 16.49 10.52 -6.43
CA GLN C 107 17.37 9.66 -5.65
C GLN C 107 17.30 10.08 -4.19
N LEU C 108 17.13 9.12 -3.29
CA LEU C 108 16.99 9.37 -1.88
C LEU C 108 18.26 8.95 -1.14
N MET C 109 18.64 9.74 -0.14
CA MET C 109 19.68 9.29 0.77
C MET C 109 19.14 8.14 1.61
N ASP C 110 20.07 7.34 2.14
CA ASP C 110 19.67 6.15 2.89
C ASP C 110 18.82 6.51 4.10
N GLU C 111 19.09 7.65 4.74
CA GLU C 111 18.34 8.02 5.93
C GLU C 111 16.88 8.32 5.59
N GLU C 112 16.64 9.10 4.52
CA GLU C 112 15.27 9.38 4.11
C GLU C 112 14.59 8.12 3.59
N GLY C 113 15.31 7.32 2.81
CA GLY C 113 14.72 6.09 2.30
C GLY C 113 14.23 5.18 3.41
N HIS C 114 15.04 5.03 4.46
CA HIS C 114 14.62 4.17 5.56
C HIS C 114 13.52 4.82 6.40
N ASP C 115 13.53 6.15 6.51
CA ASP C 115 12.42 6.82 7.18
C ASP C 115 11.11 6.59 6.45
N LEU C 116 11.11 6.74 5.13
CA LEU C 116 9.89 6.55 4.33
C LEU C 116 9.47 5.08 4.27
N LEU C 117 10.41 4.15 4.43
CA LEU C 117 10.05 2.73 4.39
C LEU C 117 8.98 2.41 5.43
N GLY C 118 9.10 2.97 6.63
CA GLY C 118 8.12 2.71 7.67
C GLY C 118 6.79 3.42 7.49
N LYS C 119 6.70 4.36 6.55
CA LYS C 119 5.50 5.16 6.34
C LYS C 119 4.73 4.80 5.07
N ARG C 120 5.26 3.92 4.24
CA ARG C 120 4.68 3.70 2.91
C ARG C 120 3.50 2.71 2.93
N GLU D 7 18.35 -16.73 8.15
CA GLU D 7 17.53 -16.76 6.93
C GLU D 7 18.09 -15.82 5.87
N PHE D 8 18.04 -16.26 4.61
CA PHE D 8 18.46 -15.42 3.50
C PHE D 8 17.55 -15.67 2.32
N ILE D 9 17.43 -14.66 1.47
CA ILE D 9 16.56 -14.71 0.30
C ILE D 9 17.43 -15.06 -0.91
N SER D 10 16.93 -15.95 -1.75
CA SER D 10 17.55 -16.21 -3.04
C SER D 10 16.51 -16.02 -4.14
N ARG D 11 16.97 -15.66 -5.32
CA ARG D 11 16.13 -15.66 -6.50
C ARG D 11 16.64 -16.70 -7.49
N HIS D 12 15.71 -17.34 -8.19
CA HIS D 12 16.06 -18.44 -9.08
C HIS D 12 15.26 -18.30 -10.37
N ASN D 13 15.87 -18.72 -11.48
CA ASN D 13 15.10 -18.91 -12.70
C ASN D 13 14.33 -20.22 -12.60
N ILE D 14 13.47 -20.50 -13.59
CA ILE D 14 12.58 -21.65 -13.46
C ILE D 14 13.35 -22.96 -13.43
N GLU D 15 14.59 -22.99 -13.91
CA GLU D 15 15.42 -24.18 -13.80
C GLU D 15 15.94 -24.40 -12.38
N GLY D 16 15.95 -23.36 -11.54
CA GLY D 16 16.48 -23.44 -10.21
C GLY D 16 17.85 -22.83 -10.01
N ILE D 17 18.39 -22.17 -11.02
CA ILE D 17 19.70 -21.53 -10.92
C ILE D 17 19.60 -20.29 -10.04
N PHE D 18 20.52 -20.16 -9.08
CA PHE D 18 20.68 -18.93 -8.31
C PHE D 18 20.95 -17.75 -9.23
N THR D 19 20.08 -16.74 -9.18
CA THR D 19 20.33 -15.49 -9.90
C THR D 19 20.47 -14.27 -9.01
N PHE D 20 20.17 -14.39 -7.71
CA PHE D 20 20.42 -13.35 -6.72
C PHE D 20 20.40 -14.03 -5.36
N VAL D 21 21.32 -13.63 -4.49
CA VAL D 21 21.34 -14.10 -3.10
C VAL D 21 21.67 -12.92 -2.20
N ASP D 22 20.93 -12.74 -1.11
CA ASP D 22 21.31 -11.67 -0.22
C ASP D 22 22.43 -12.15 0.70
N HIS D 23 23.19 -11.17 1.22
CA HIS D 23 24.47 -11.46 1.85
C HIS D 23 24.34 -12.21 3.17
N ARG D 24 23.13 -12.32 3.74
CA ARG D 24 22.96 -13.16 4.91
C ARG D 24 23.30 -14.62 4.63
N CYS D 25 23.43 -15.02 3.37
CA CYS D 25 23.83 -16.39 3.07
C CYS D 25 25.22 -16.71 3.63
N VAL D 26 26.06 -15.70 3.84
CA VAL D 26 27.39 -15.94 4.41
C VAL D 26 27.27 -16.52 5.81
N ALA D 27 26.48 -15.86 6.67
CA ALA D 27 26.30 -16.34 8.04
C ALA D 27 25.47 -17.61 8.12
N THR D 28 24.62 -17.89 7.13
CA THR D 28 23.73 -19.04 7.24
C THR D 28 24.31 -20.32 6.65
N VAL D 29 24.97 -20.25 5.49
CA VAL D 29 25.50 -21.44 4.83
C VAL D 29 26.98 -21.33 4.50
N GLY D 30 27.62 -20.19 4.79
CA GLY D 30 29.06 -20.07 4.67
C GLY D 30 29.59 -19.61 3.33
N TYR D 31 28.72 -19.31 2.36
CA TYR D 31 29.16 -18.89 1.05
C TYR D 31 28.89 -17.41 0.81
N GLN D 32 29.78 -16.80 0.04
CA GLN D 32 29.50 -15.53 -0.61
C GLN D 32 28.42 -15.73 -1.66
N PRO D 33 27.57 -14.72 -1.91
CA PRO D 33 26.60 -14.85 -3.01
C PRO D 33 27.24 -15.25 -4.32
N GLN D 34 28.43 -14.71 -4.61
CA GLN D 34 29.09 -15.01 -5.88
C GLN D 34 29.45 -16.48 -6.01
N GLU D 35 29.67 -17.17 -4.89
CA GLU D 35 29.92 -18.61 -4.94
C GLU D 35 28.67 -19.42 -5.28
N LEU D 36 27.48 -18.81 -5.16
CA LEU D 36 26.24 -19.51 -5.44
C LEU D 36 25.65 -19.15 -6.79
N LEU D 37 25.84 -17.91 -7.24
CA LEU D 37 25.22 -17.43 -8.47
C LEU D 37 25.65 -18.29 -9.66
N GLY D 38 24.69 -18.62 -10.51
CA GLY D 38 24.95 -19.42 -11.69
C GLY D 38 24.87 -20.91 -11.48
N LYS D 39 24.81 -21.37 -10.24
CA LYS D 39 24.71 -22.78 -9.91
C LYS D 39 23.27 -23.13 -9.54
N ASN D 40 22.90 -24.40 -9.73
CA ASN D 40 21.56 -24.84 -9.37
C ASN D 40 21.48 -25.09 -7.88
N ILE D 41 20.37 -24.68 -7.27
CA ILE D 41 20.16 -24.96 -5.85
C ILE D 41 20.25 -26.47 -5.59
N VAL D 42 19.86 -27.29 -6.56
CA VAL D 42 19.86 -28.74 -6.34
C VAL D 42 21.29 -29.26 -6.13
N GLU D 43 22.29 -28.58 -6.70
CA GLU D 43 23.68 -28.99 -6.55
C GLU D 43 24.18 -28.91 -5.12
N PHE D 44 23.54 -28.11 -4.27
CA PHE D 44 23.93 -28.02 -2.87
C PHE D 44 23.07 -28.89 -1.97
N CYS D 45 22.18 -29.68 -2.55
CA CYS D 45 21.20 -30.46 -1.81
C CYS D 45 21.69 -31.87 -1.61
N HIS D 46 21.47 -32.40 -0.40
CA HIS D 46 21.85 -33.78 -0.10
C HIS D 46 21.19 -34.73 -1.11
N PRO D 47 21.93 -35.71 -1.64
CA PRO D 47 21.35 -36.58 -2.68
C PRO D 47 20.08 -37.30 -2.26
N GLU D 48 19.90 -37.57 -0.96
CA GLU D 48 18.65 -38.17 -0.49
C GLU D 48 17.49 -37.20 -0.64
N ASP D 49 17.76 -35.91 -0.58
CA ASP D 49 16.71 -34.90 -0.62
C ASP D 49 16.52 -34.29 -1.99
N GLN D 50 17.33 -34.69 -2.98
CA GLN D 50 17.34 -34.00 -4.27
C GLN D 50 16.02 -34.15 -5.01
N GLN D 51 15.43 -35.36 -4.98
CA GLN D 51 14.18 -35.56 -5.69
C GLN D 51 13.07 -34.69 -5.11
N LEU D 52 12.97 -34.64 -3.78
CA LEU D 52 12.00 -33.78 -3.11
C LEU D 52 12.17 -32.32 -3.52
N LEU D 53 13.41 -31.82 -3.47
CA LEU D 53 13.66 -30.42 -3.82
C LEU D 53 13.35 -30.15 -5.29
N ARG D 54 13.73 -31.07 -6.18
CA ARG D 54 13.51 -30.83 -7.60
C ARG D 54 12.02 -30.86 -7.93
N ASP D 55 11.28 -31.80 -7.36
CA ASP D 55 9.84 -31.84 -7.61
C ASP D 55 9.15 -30.61 -7.03
N SER D 56 9.64 -30.11 -5.90
CA SER D 56 9.03 -28.94 -5.29
C SER D 56 9.24 -27.70 -6.16
N PHE D 57 10.42 -27.59 -6.76
CA PHE D 57 10.69 -26.48 -7.67
C PHE D 57 9.81 -26.54 -8.92
N GLN D 58 9.65 -27.73 -9.50
CA GLN D 58 8.73 -27.84 -10.64
C GLN D 58 7.30 -27.51 -10.22
N GLN D 59 6.91 -27.91 -9.00
CA GLN D 59 5.57 -27.59 -8.53
C GLN D 59 5.38 -26.09 -8.36
N VAL D 60 6.39 -25.40 -7.82
CA VAL D 60 6.32 -23.96 -7.60
C VAL D 60 6.00 -23.25 -8.90
N VAL D 61 6.64 -23.66 -9.99
CA VAL D 61 6.45 -23.04 -11.29
C VAL D 61 5.07 -23.39 -11.84
N LYS D 62 4.63 -24.62 -11.61
CA LYS D 62 3.32 -25.06 -12.07
C LYS D 62 2.21 -24.27 -11.39
N LEU D 63 2.34 -24.02 -10.09
CA LEU D 63 1.29 -23.37 -9.29
C LEU D 63 1.60 -21.89 -9.08
N LYS D 64 1.74 -21.19 -10.20
CA LYS D 64 2.16 -19.79 -10.28
C LYS D 64 1.54 -18.93 -9.18
N GLY D 65 2.38 -18.40 -8.30
CA GLY D 65 1.97 -17.49 -7.26
C GLY D 65 1.77 -18.14 -5.90
N GLN D 66 1.28 -19.38 -5.87
CA GLN D 66 1.13 -20.10 -4.61
C GLN D 66 2.47 -20.22 -3.90
N VAL D 67 2.44 -20.12 -2.58
CA VAL D 67 3.63 -20.23 -1.75
C VAL D 67 3.73 -21.66 -1.25
N LEU D 68 4.88 -22.29 -1.50
CA LEU D 68 5.11 -23.67 -1.10
C LEU D 68 6.27 -23.70 -0.11
N SER D 69 6.42 -24.84 0.55
CA SER D 69 7.47 -25.05 1.54
C SER D 69 8.10 -26.42 1.31
N VAL D 70 9.42 -26.48 1.42
CA VAL D 70 10.16 -27.73 1.30
C VAL D 70 11.30 -27.70 2.30
N MET D 71 11.57 -28.84 2.91
CA MET D 71 12.72 -28.99 3.78
C MET D 71 13.76 -29.89 3.11
N PHE D 72 15.02 -29.52 3.21
CA PHE D 72 16.10 -30.31 2.64
C PHE D 72 17.41 -29.93 3.33
N ARG D 73 18.41 -30.81 3.17
CA ARG D 73 19.73 -30.56 3.73
C ARG D 73 20.62 -29.85 2.71
N PHE D 74 21.13 -28.70 3.11
CA PHE D 74 21.99 -27.84 2.31
C PHE D 74 23.44 -28.09 2.73
N ARG D 75 24.32 -28.23 1.74
CA ARG D 75 25.74 -28.43 2.00
C ARG D 75 26.42 -27.09 2.23
N SER D 76 26.76 -26.81 3.48
CA SER D 76 27.46 -25.57 3.82
C SER D 76 28.88 -25.58 3.26
N LYS D 77 29.54 -24.41 3.34
CA LYS D 77 30.92 -24.33 2.87
C LYS D 77 31.87 -25.07 3.80
N THR D 78 31.50 -25.21 5.07
CA THR D 78 32.22 -26.07 6.00
C THR D 78 32.04 -27.56 5.67
N ARG D 79 31.36 -27.89 4.58
CA ARG D 79 31.17 -29.27 4.12
C ARG D 79 30.32 -30.08 5.11
N GLU D 80 29.27 -29.46 5.62
CA GLU D 80 28.34 -30.10 6.54
C GLU D 80 26.91 -29.95 6.01
N TRP D 81 26.03 -30.85 6.45
CA TRP D 81 24.65 -30.84 5.98
C TRP D 81 23.79 -30.01 6.93
N LEU D 82 23.20 -28.93 6.42
CA LEU D 82 22.38 -28.04 7.23
C LEU D 82 20.92 -28.19 6.83
N TRP D 83 20.06 -28.43 7.81
CA TRP D 83 18.63 -28.55 7.53
C TRP D 83 18.06 -27.17 7.23
N MET D 84 17.44 -27.04 6.07
CA MET D 84 16.87 -25.78 5.61
C MET D 84 15.38 -25.95 5.35
N ARG D 85 14.60 -24.95 5.75
CA ARG D 85 13.22 -24.82 5.30
C ARG D 85 13.18 -23.66 4.32
N THR D 86 12.69 -23.92 3.11
CA THR D 86 12.68 -22.95 2.02
C THR D 86 11.23 -22.73 1.61
N SER D 87 10.75 -21.49 1.74
CA SER D 87 9.45 -21.09 1.23
C SER D 87 9.64 -20.40 -0.12
N SER D 88 8.88 -20.83 -1.13
CA SER D 88 9.09 -20.36 -2.48
C SER D 88 7.77 -19.99 -3.16
N PHE D 89 7.84 -19.03 -4.07
CA PHE D 89 6.73 -18.66 -4.94
C PHE D 89 7.30 -18.03 -6.19
N THR D 90 6.56 -18.14 -7.30
CA THR D 90 6.92 -17.40 -8.50
C THR D 90 6.35 -15.99 -8.40
N PHE D 91 7.10 -15.02 -8.89
CA PHE D 91 6.59 -13.66 -9.04
C PHE D 91 6.15 -13.46 -10.48
N GLN D 92 4.87 -13.11 -10.66
CA GLN D 92 4.29 -12.87 -11.97
C GLN D 92 4.31 -11.38 -12.28
N ASN D 93 4.70 -11.03 -13.51
CA ASN D 93 4.65 -9.64 -13.93
C ASN D 93 3.20 -9.15 -13.88
N PRO D 94 2.92 -8.03 -13.20
CA PRO D 94 1.52 -7.55 -13.12
C PRO D 94 0.90 -7.22 -14.46
N TYR D 95 1.69 -6.93 -15.50
CA TYR D 95 1.11 -6.69 -16.82
C TYR D 95 0.97 -7.98 -17.63
N SER D 96 2.07 -8.71 -17.82
CA SER D 96 2.09 -9.82 -18.76
C SER D 96 1.73 -11.16 -18.13
N ASP D 97 1.77 -11.27 -16.80
CA ASP D 97 1.62 -12.51 -16.06
C ASP D 97 2.73 -13.52 -16.36
N GLU D 98 3.82 -13.11 -17.02
CA GLU D 98 4.98 -13.98 -17.19
C GLU D 98 5.72 -14.14 -15.86
N ILE D 99 6.30 -15.33 -15.65
CA ILE D 99 7.12 -15.57 -14.47
C ILE D 99 8.41 -14.78 -14.62
N GLU D 100 8.66 -13.86 -13.69
CA GLU D 100 9.92 -13.13 -13.71
C GLU D 100 11.02 -13.98 -13.10
N TYR D 101 10.71 -14.62 -11.98
CA TYR D 101 11.66 -15.46 -11.28
C TYR D 101 10.95 -16.09 -10.09
N ILE D 102 11.67 -16.95 -9.37
CA ILE D 102 11.18 -17.62 -8.18
C ILE D 102 11.89 -16.98 -6.98
N ILE D 103 11.12 -16.64 -5.94
CA ILE D 103 11.67 -16.09 -4.70
C ILE D 103 11.74 -17.21 -3.67
N CYS D 104 12.90 -17.40 -3.05
CA CYS D 104 13.05 -18.39 -1.99
C CYS D 104 13.48 -17.69 -0.71
N THR D 105 12.81 -18.01 0.40
CA THR D 105 13.24 -17.64 1.74
C THR D 105 13.81 -18.90 2.36
N ASN D 106 15.10 -18.91 2.66
CA ASN D 106 15.83 -20.10 3.12
C ASN D 106 16.20 -19.93 4.58
N THR D 107 15.60 -20.75 5.44
CA THR D 107 15.79 -20.68 6.89
C THR D 107 16.48 -21.93 7.39
N ASN D 108 17.59 -21.74 8.11
CA ASN D 108 18.26 -22.88 8.74
C ASN D 108 17.43 -23.31 9.95
N VAL D 109 16.95 -24.54 9.92
CA VAL D 109 16.07 -25.02 10.99
C VAL D 109 16.88 -25.42 12.22
#